data_4CQ7
#
_entry.id   4CQ7
#
_cell.length_a   64.500
_cell.length_b   100.400
_cell.length_c   105.600
_cell.angle_alpha   90.00
_cell.angle_beta   90.00
_cell.angle_gamma   90.00
#
_symmetry.space_group_name_H-M   'P 21 21 21'
#
loop_
_entity.id
_entity.type
_entity.pdbx_description
1 polymer 'ALLENE OXIDE CYCLASE 2, CHLOROPLASTIC'
2 non-polymer '9S,13R-12-OXOPHYTODIENOIC ACID'
3 non-polymer (4R)-2-METHYLPENTANE-2,4-DIOL
4 water water
#
_entity_poly.entity_id   1
_entity_poly.type   'polypeptide(L)'
_entity_poly.pdbx_seq_one_letter_code
;MRGSHHHHHHGSPSKVQELSVYEINELDRHSPKILKNAFSLMFGLGDLVPFTNKLYTGDLKKRVGITAGLCVVIEHVPEK
KGERFEATYSFYFGDYGHLSVQGPYLTYEDSFLAITGGAGIFEGAYGQVKLQQLVYPTKLFYTFYLKGLANDLPLELTGT
PVPPSKDIEPAPEAKALEPSGVISNYTN
;
_entity_poly.pdbx_strand_id   A,B,C
#
loop_
_chem_comp.id
_chem_comp.type
_chem_comp.name
_chem_comp.formula
MRD non-polymer (4R)-2-METHYLPENTANE-2,4-DIOL 'C6 H14 O2'
WHW non-polymer '9S,13R-12-OXOPHYTODIENOIC ACID' 'C18 H28 O3'
#
# COMPACT_ATOMS: atom_id res chain seq x y z
N VAL A 16 -17.43 14.36 8.10
CA VAL A 16 -16.15 14.62 7.47
C VAL A 16 -15.40 15.74 8.21
N GLN A 17 -14.12 15.51 8.44
CA GLN A 17 -13.26 16.54 9.01
C GLN A 17 -12.19 16.86 7.98
N GLU A 18 -12.06 18.14 7.65
CA GLU A 18 -11.04 18.54 6.69
C GLU A 18 -9.75 18.91 7.41
N LEU A 19 -8.64 18.44 6.84
CA LEU A 19 -7.32 18.67 7.38
C LEU A 19 -6.41 19.03 6.23
N SER A 20 -5.82 20.21 6.29
CA SER A 20 -4.95 20.68 5.24
C SER A 20 -3.53 20.79 5.74
N VAL A 21 -2.59 20.37 4.91
CA VAL A 21 -1.17 20.44 5.25
C VAL A 21 -0.36 20.83 4.02
N TYR A 22 0.83 21.39 4.28
CA TYR A 22 1.83 21.70 3.25
C TYR A 22 3.00 20.73 3.34
N GLU A 23 3.39 20.18 2.20
CA GLU A 23 4.56 19.32 2.07
C GLU A 23 5.62 20.09 1.30
N ILE A 24 6.82 20.14 1.87
CA ILE A 24 7.93 20.90 1.30
C ILE A 24 9.22 20.12 1.33
N ASN A 25 9.89 20.11 0.18
CA ASN A 25 11.23 19.55 0.06
C ASN A 25 12.24 20.64 0.32
N GLU A 26 12.89 20.58 1.48
CA GLU A 26 13.87 21.59 1.87
C GLU A 26 15.29 21.12 1.57
N LEU A 27 15.38 20.01 0.84
CA LEU A 27 16.62 19.53 0.20
C LEU A 27 17.66 18.98 1.18
N ASP A 28 17.20 18.63 2.38
CA ASP A 28 18.08 18.15 3.44
C ASP A 28 17.77 16.73 3.89
N ARG A 29 16.99 15.98 3.10
CA ARG A 29 16.62 14.61 3.49
C ARG A 29 16.97 13.60 2.41
N HIS A 30 17.92 13.98 1.55
CA HIS A 30 18.41 13.11 0.47
C HIS A 30 17.34 12.74 -0.54
N SER A 31 16.27 13.53 -0.61
CA SER A 31 15.04 13.18 -1.31
C SER A 31 14.77 14.17 -2.44
N PRO A 32 14.20 13.71 -3.56
CA PRO A 32 13.84 12.32 -3.83
C PRO A 32 15.02 11.51 -4.34
N LYS A 33 14.94 10.18 -4.20
CA LYS A 33 15.94 9.28 -4.74
C LYS A 33 15.40 8.61 -5.99
N ILE A 34 16.06 8.83 -7.13
CA ILE A 34 15.58 8.25 -8.39
C ILE A 34 16.31 6.95 -8.68
N LEU A 35 15.54 5.87 -8.71
CA LEU A 35 16.03 4.55 -9.09
C LEU A 35 15.64 4.33 -10.55
N LYS A 36 16.61 4.50 -11.44
CA LYS A 36 16.38 4.53 -12.88
C LYS A 36 16.49 3.13 -13.46
N ASN A 37 15.37 2.61 -13.98
CA ASN A 37 15.38 1.32 -14.66
C ASN A 37 14.77 1.33 -16.05
N ALA A 38 13.96 2.34 -16.36
CA ALA A 38 13.42 2.50 -17.70
C ALA A 38 14.56 2.88 -18.61
N PHE A 39 14.55 2.41 -19.85
CA PHE A 39 15.71 2.62 -20.70
C PHE A 39 15.80 4.05 -21.25
N SER A 40 14.72 4.81 -21.13
CA SER A 40 14.68 6.18 -21.64
C SER A 40 15.28 7.20 -20.68
N LEU A 41 15.66 8.36 -21.23
CA LEU A 41 16.10 9.49 -20.44
C LEU A 41 14.94 10.05 -19.63
N MET A 42 13.75 9.97 -20.20
CA MET A 42 12.56 10.41 -19.49
C MET A 42 12.12 9.35 -18.50
N PHE A 43 11.31 9.76 -17.54
CA PHE A 43 10.68 8.80 -16.65
C PHE A 43 9.85 7.79 -17.45
N GLY A 44 9.89 6.53 -17.01
CA GLY A 44 9.03 5.50 -17.58
C GLY A 44 8.84 4.36 -16.58
N LEU A 45 7.92 3.45 -16.92
CA LEU A 45 7.68 2.25 -16.13
C LEU A 45 8.98 1.52 -15.85
N GLY A 46 9.20 1.20 -14.58
CA GLY A 46 10.47 0.63 -14.13
C GLY A 46 11.17 1.58 -13.17
N ASP A 47 10.97 2.87 -13.35
CA ASP A 47 11.60 3.84 -12.47
C ASP A 47 10.84 3.90 -11.14
N LEU A 48 11.60 3.92 -10.05
CA LEU A 48 11.04 3.97 -8.70
C LEU A 48 11.61 5.17 -7.96
N VAL A 49 10.78 5.87 -7.20
CA VAL A 49 11.22 7.08 -6.52
C VAL A 49 10.81 7.04 -5.04
N PRO A 50 11.68 6.47 -4.19
CA PRO A 50 11.48 6.65 -2.75
C PRO A 50 11.62 8.11 -2.37
N PHE A 51 10.82 8.57 -1.42
CA PHE A 51 10.88 9.97 -1.01
C PHE A 51 10.46 10.21 0.42
N THR A 52 10.89 11.37 0.93
CA THR A 52 10.46 11.86 2.22
C THR A 52 10.70 13.35 2.28
N ASN A 53 9.60 14.09 2.48
CA ASN A 53 9.64 15.54 2.60
C ASN A 53 9.15 15.98 3.98
N LYS A 54 9.29 17.28 4.27
CA LYS A 54 8.78 17.83 5.52
C LYS A 54 7.31 18.21 5.39
N LEU A 55 6.60 18.09 6.50
CA LEU A 55 5.18 18.38 6.59
C LEU A 55 4.92 19.49 7.62
N TYR A 56 4.17 20.49 7.19
CA TYR A 56 3.81 21.63 8.03
C TYR A 56 2.30 21.75 8.09
N THR A 57 1.81 22.42 9.11
CA THR A 57 0.38 22.70 9.21
C THR A 57 -0.07 23.59 8.04
N GLY A 58 -1.37 23.54 7.78
CA GLY A 58 -1.98 24.35 6.74
C GLY A 58 -1.77 25.83 6.93
N ASP A 59 -1.70 26.27 8.19
CA ASP A 59 -1.46 27.69 8.47
C ASP A 59 0.02 28.04 8.50
N LEU A 60 0.86 27.03 8.25
CA LEU A 60 2.31 27.11 8.12
C LEU A 60 3.04 27.58 9.40
N LYS A 61 2.34 27.55 10.52
CA LYS A 61 2.90 27.97 11.79
C LYS A 61 3.78 26.93 12.44
N LYS A 62 3.52 25.65 12.15
CA LYS A 62 4.22 24.58 12.86
C LYS A 62 4.66 23.45 11.95
N ARG A 63 5.87 22.98 12.20
CA ARG A 63 6.34 21.70 11.68
C ARG A 63 5.57 20.57 12.36
N VAL A 64 4.98 19.65 11.59
CA VAL A 64 4.27 18.51 12.21
C VAL A 64 5.06 17.20 12.06
N GLY A 65 5.75 17.05 10.95
CA GLY A 65 6.45 15.79 10.69
C GLY A 65 7.01 15.67 9.29
N ILE A 66 6.72 14.52 8.66
CA ILE A 66 7.25 14.18 7.34
C ILE A 66 6.24 13.39 6.52
N THR A 67 6.48 13.36 5.21
CA THR A 67 5.92 12.32 4.36
C THR A 67 6.99 11.26 4.15
N ALA A 68 6.56 10.05 3.79
CA ALA A 68 7.49 8.94 3.64
C ALA A 68 6.84 7.84 2.81
N GLY A 69 7.51 7.42 1.74
CA GLY A 69 6.99 6.32 0.92
C GLY A 69 7.63 6.20 -0.43
N LEU A 70 6.84 5.71 -1.40
CA LEU A 70 7.34 5.32 -2.72
C LEU A 70 6.42 5.79 -3.84
N CYS A 71 7.01 6.45 -4.83
CA CYS A 71 6.33 6.74 -6.10
C CYS A 71 6.82 5.77 -7.17
N VAL A 72 5.89 5.06 -7.78
CA VAL A 72 6.16 4.13 -8.84
C VAL A 72 5.80 4.81 -10.17
N VAL A 73 6.77 5.00 -11.06
CA VAL A 73 6.45 5.62 -12.35
C VAL A 73 5.60 4.66 -13.18
N ILE A 74 4.51 5.20 -13.71
CA ILE A 74 3.61 4.44 -14.56
C ILE A 74 3.83 4.77 -16.02
N GLU A 75 3.86 6.06 -16.35
CA GLU A 75 4.13 6.50 -17.70
C GLU A 75 4.56 7.96 -17.77
N HIS A 76 5.30 8.30 -18.81
CA HIS A 76 5.46 9.69 -19.22
C HIS A 76 4.22 10.10 -20.01
N VAL A 77 3.82 11.36 -19.84
CA VAL A 77 2.66 11.90 -20.50
C VAL A 77 3.10 13.12 -21.31
N PRO A 78 3.60 12.89 -22.52
CA PRO A 78 4.25 13.98 -23.26
C PRO A 78 3.29 15.13 -23.60
N GLU A 79 2.02 14.83 -23.85
CA GLU A 79 1.08 15.88 -24.23
C GLU A 79 0.81 16.83 -23.05
N LYS A 80 1.17 16.39 -21.85
CA LYS A 80 1.02 17.21 -20.64
C LYS A 80 2.36 17.67 -20.06
N LYS A 81 3.45 17.32 -20.72
CA LYS A 81 4.79 17.65 -20.24
C LYS A 81 4.99 17.22 -18.78
N GLY A 82 4.53 16.02 -18.46
CA GLY A 82 4.63 15.53 -17.08
C GLY A 82 4.59 14.01 -16.97
N GLU A 83 4.52 13.52 -15.73
CA GLU A 83 4.52 12.09 -15.43
C GLU A 83 3.26 11.65 -14.69
N ARG A 84 2.91 10.38 -14.86
CA ARG A 84 1.98 9.72 -13.95
C ARG A 84 2.76 8.78 -13.04
N PHE A 85 2.61 8.97 -11.73
CA PHE A 85 3.10 8.03 -10.72
C PHE A 85 1.92 7.28 -10.06
N GLU A 86 2.19 6.08 -9.54
CA GLU A 86 1.31 5.44 -8.57
C GLU A 86 2.04 5.54 -7.22
N ALA A 87 1.42 6.17 -6.24
CA ALA A 87 2.06 6.47 -4.96
C ALA A 87 1.48 5.71 -3.76
N THR A 88 2.39 5.25 -2.91
CA THR A 88 2.15 4.51 -1.68
C THR A 88 2.96 5.19 -0.58
N TYR A 89 2.31 5.97 0.29
CA TYR A 89 3.05 6.70 1.31
C TYR A 89 2.20 7.13 2.49
N SER A 90 2.88 7.61 3.53
CA SER A 90 2.25 8.05 4.76
C SER A 90 2.66 9.46 5.15
N PHE A 91 1.79 10.07 5.94
CA PHE A 91 1.92 11.43 6.44
C PHE A 91 2.04 11.32 7.95
N TYR A 92 3.14 11.82 8.52
CA TYR A 92 3.43 11.64 9.94
C TYR A 92 3.24 12.94 10.71
N PHE A 93 2.51 12.85 11.83
CA PHE A 93 2.11 13.99 12.67
C PHE A 93 2.60 13.87 14.11
N GLY A 94 3.89 13.58 14.29
CA GLY A 94 4.48 13.51 15.61
C GLY A 94 3.78 12.47 16.46
N ASP A 95 3.48 12.83 17.72
CA ASP A 95 2.82 11.91 18.63
C ASP A 95 1.35 11.66 18.29
N TYR A 96 0.78 12.48 17.40
CA TYR A 96 -0.62 12.33 17.02
C TYR A 96 -0.87 11.03 16.24
N GLY A 97 0.13 10.58 15.47
CA GLY A 97 -0.05 9.38 14.65
C GLY A 97 0.24 9.64 13.19
N HIS A 98 -0.36 8.83 12.32
CA HIS A 98 -0.12 8.96 10.89
C HIS A 98 -1.35 8.60 10.06
N LEU A 99 -1.32 9.06 8.82
CA LEU A 99 -2.26 8.69 7.76
C LEU A 99 -1.55 8.02 6.61
N SER A 100 -2.14 6.96 6.04
CA SER A 100 -1.56 6.29 4.88
C SER A 100 -2.47 6.46 3.66
N VAL A 101 -1.86 6.52 2.47
CA VAL A 101 -2.60 6.76 1.23
C VAL A 101 -2.08 5.87 0.11
N GLN A 102 -2.92 5.70 -0.90
CA GLN A 102 -2.60 5.00 -2.13
C GLN A 102 -3.35 5.68 -3.29
N GLY A 103 -2.66 5.95 -4.40
CA GLY A 103 -3.36 6.48 -5.55
C GLY A 103 -2.50 7.26 -6.52
N PRO A 104 -3.15 8.06 -7.38
CA PRO A 104 -2.44 8.75 -8.45
C PRO A 104 -1.75 10.05 -8.04
N TYR A 105 -0.54 10.21 -8.57
N TYR A 105 -0.46 10.14 -8.36
CA TYR A 105 0.33 11.34 -8.29
CA TYR A 105 0.23 11.42 -8.34
C TYR A 105 0.79 11.85 -9.68
C TYR A 105 0.63 11.77 -9.75
N LEU A 106 0.17 12.93 -10.18
CA LEU A 106 0.40 13.43 -11.53
C LEU A 106 1.16 14.74 -11.40
N THR A 107 2.27 14.88 -12.12
CA THR A 107 3.14 16.05 -11.92
C THR A 107 2.51 17.29 -12.54
N TYR A 108 1.48 17.11 -13.35
CA TYR A 108 0.96 18.19 -14.18
C TYR A 108 -0.43 18.68 -13.78
N GLU A 109 -1.10 17.98 -12.87
CA GLU A 109 -2.44 18.40 -12.44
C GLU A 109 -2.80 17.80 -11.09
N ASP A 110 -3.78 18.41 -10.44
CA ASP A 110 -4.26 17.93 -9.15
C ASP A 110 -4.88 16.53 -9.28
N SER A 111 -4.84 15.78 -8.19
CA SER A 111 -5.50 14.48 -8.14
C SER A 111 -6.08 14.18 -6.76
N PHE A 112 -6.83 13.09 -6.68
CA PHE A 112 -7.29 12.52 -5.41
C PHE A 112 -6.67 11.18 -5.17
N LEU A 113 -6.22 10.95 -3.94
CA LEU A 113 -5.73 9.63 -3.52
C LEU A 113 -6.64 9.04 -2.44
N ALA A 114 -6.59 7.73 -2.30
CA ALA A 114 -7.39 7.04 -1.29
C ALA A 114 -6.68 7.06 0.06
N ILE A 115 -7.43 7.32 1.13
CA ILE A 115 -6.89 7.14 2.49
C ILE A 115 -7.09 5.67 2.85
N THR A 116 -5.98 4.95 2.98
CA THR A 116 -6.06 3.51 3.24
C THR A 116 -6.20 3.16 4.72
N GLY A 117 -5.87 4.12 5.59
CA GLY A 117 -6.01 3.94 7.03
C GLY A 117 -5.10 4.87 7.81
N GLY A 118 -5.12 4.75 9.13
CA GLY A 118 -4.28 5.58 9.98
C GLY A 118 -3.98 4.92 11.31
N ALA A 119 -3.29 5.65 12.17
CA ALA A 119 -3.01 5.20 13.53
C ALA A 119 -2.95 6.39 14.46
N GLY A 120 -2.99 6.13 15.76
CA GLY A 120 -3.04 7.18 16.76
C GLY A 120 -4.40 7.88 16.71
N ILE A 121 -4.41 9.22 16.73
CA ILE A 121 -5.68 9.92 16.58
C ILE A 121 -6.33 9.63 15.22
N PHE A 122 -5.57 9.09 14.26
CA PHE A 122 -6.13 8.78 12.94
C PHE A 122 -6.53 7.32 12.77
N GLU A 123 -6.55 6.56 13.87
CA GLU A 123 -7.04 5.19 13.85
C GLU A 123 -8.46 5.18 13.31
N GLY A 124 -8.72 4.26 12.40
CA GLY A 124 -10.03 4.16 11.78
C GLY A 124 -10.25 5.10 10.61
N ALA A 125 -9.26 5.92 10.28
CA ALA A 125 -9.42 6.90 9.19
C ALA A 125 -9.75 6.27 7.84
N TYR A 126 -10.69 6.88 7.13
CA TYR A 126 -10.91 6.55 5.73
C TYR A 126 -11.38 7.79 4.99
N GLY A 127 -11.51 7.68 3.68
CA GLY A 127 -11.82 8.82 2.82
C GLY A 127 -10.83 9.02 1.68
N GLN A 128 -10.65 10.28 1.31
CA GLN A 128 -9.79 10.64 0.20
C GLN A 128 -9.10 11.96 0.47
N VAL A 129 -8.02 12.21 -0.25
CA VAL A 129 -7.23 13.40 -0.08
C VAL A 129 -6.95 14.02 -1.44
N LYS A 130 -7.13 15.34 -1.52
CA LYS A 130 -6.77 16.10 -2.70
C LYS A 130 -5.32 16.56 -2.63
N LEU A 131 -4.58 16.24 -3.67
CA LEU A 131 -3.20 16.66 -3.84
C LEU A 131 -3.15 17.80 -4.84
N GLN A 132 -2.65 18.96 -4.41
CA GLN A 132 -2.54 20.15 -5.27
C GLN A 132 -1.07 20.54 -5.46
N GLN A 133 -0.54 20.48 -6.68
CA GLN A 133 0.85 20.90 -6.86
C GLN A 133 0.94 22.40 -6.92
N LEU A 134 1.98 22.92 -6.27
CA LEU A 134 2.22 24.34 -6.22
C LEU A 134 3.49 24.69 -6.97
N VAL A 135 4.55 23.93 -6.68
CA VAL A 135 5.84 24.02 -7.34
C VAL A 135 6.37 22.62 -7.57
N TYR A 136 6.52 22.23 -8.83
CA TYR A 136 7.17 20.95 -9.12
C TYR A 136 8.67 21.17 -9.22
N PRO A 137 9.48 20.38 -8.50
CA PRO A 137 9.17 19.33 -7.53
C PRO A 137 9.59 19.76 -6.13
N THR A 138 8.79 20.61 -5.48
CA THR A 138 9.24 21.20 -4.23
C THR A 138 8.16 21.44 -3.19
N LYS A 139 6.96 21.83 -3.62
CA LYS A 139 5.88 22.21 -2.72
C LYS A 139 4.54 21.65 -3.20
N LEU A 140 3.80 21.09 -2.26
CA LEU A 140 2.45 20.58 -2.48
C LEU A 140 1.55 20.96 -1.32
N PHE A 141 0.26 21.05 -1.62
CA PHE A 141 -0.78 21.35 -0.64
C PHE A 141 -1.79 20.21 -0.68
N TYR A 142 -2.17 19.70 0.48
CA TYR A 142 -3.13 18.61 0.59
C TYR A 142 -4.36 18.99 1.39
N THR A 143 -5.49 18.43 1.01
CA THR A 143 -6.71 18.55 1.78
C THR A 143 -7.29 17.16 1.95
N PHE A 144 -7.20 16.64 3.18
CA PHE A 144 -7.75 15.34 3.55
C PHE A 144 -9.20 15.50 3.92
N TYR A 145 -10.05 14.66 3.32
CA TYR A 145 -11.48 14.61 3.68
C TYR A 145 -11.65 13.38 4.58
N LEU A 146 -11.45 13.60 5.89
CA LEU A 146 -11.31 12.50 6.84
C LEU A 146 -12.63 12.04 7.46
N LYS A 147 -12.86 10.73 7.36
CA LYS A 147 -13.97 10.08 8.03
C LYS A 147 -13.43 9.05 9.00
N GLY A 148 -14.23 8.69 10.00
CA GLY A 148 -13.91 7.59 10.89
C GLY A 148 -13.09 7.93 12.13
N LEU A 149 -12.72 9.20 12.30
CA LEU A 149 -11.94 9.61 13.46
C LEU A 149 -12.73 9.53 14.77
N ALA A 150 -12.08 9.12 15.85
CA ALA A 150 -12.76 8.99 17.13
C ALA A 150 -13.11 10.35 17.73
N ASN A 151 -12.29 11.36 17.44
CA ASN A 151 -12.46 12.69 18.03
C ASN A 151 -12.25 13.83 17.05
N ASP A 152 -12.64 15.05 17.44
CA ASP A 152 -12.32 16.23 16.67
C ASP A 152 -10.80 16.39 16.58
N LEU A 153 -10.33 16.85 15.44
CA LEU A 153 -8.91 17.13 15.27
C LEU A 153 -8.45 18.19 16.29
N PRO A 154 -7.22 18.07 16.79
CA PRO A 154 -6.65 19.10 17.67
C PRO A 154 -6.59 20.46 17.00
N LEU A 155 -6.83 21.52 17.76
CA LEU A 155 -6.90 22.85 17.20
C LEU A 155 -5.60 23.29 16.54
N GLU A 156 -4.47 22.82 17.04
CA GLU A 156 -3.22 23.31 16.48
C GLU A 156 -3.00 22.75 15.05
N LEU A 157 -3.84 21.80 14.62
CA LEU A 157 -3.81 21.29 13.23
C LEU A 157 -4.86 21.90 12.29
N THR A 158 -5.81 22.68 12.83
CA THR A 158 -6.97 23.12 12.07
C THR A 158 -7.05 24.64 11.82
N GLY A 159 -5.96 25.35 12.03
CA GLY A 159 -5.93 26.76 11.69
C GLY A 159 -6.22 27.05 10.21
N THR A 160 -6.70 28.26 9.93
CA THR A 160 -6.97 28.69 8.56
C THR A 160 -5.74 28.55 7.66
N PRO A 161 -5.87 27.90 6.49
CA PRO A 161 -4.65 27.77 5.69
C PRO A 161 -4.15 29.08 5.06
N VAL A 162 -2.83 29.21 4.92
CA VAL A 162 -2.23 30.19 4.02
C VAL A 162 -2.73 29.91 2.60
N PRO A 163 -3.01 30.98 1.83
CA PRO A 163 -3.48 30.74 0.45
C PRO A 163 -2.44 29.96 -0.38
N PRO A 164 -2.85 28.83 -0.98
CA PRO A 164 -1.89 28.06 -1.77
C PRO A 164 -1.34 28.81 -2.96
N SER A 165 -0.02 28.85 -3.05
CA SER A 165 0.69 29.43 -4.18
C SER A 165 2.12 28.92 -4.18
N LYS A 166 2.83 29.19 -5.27
CA LYS A 166 4.23 28.78 -5.36
C LYS A 166 5.14 29.48 -4.35
N ASP A 167 4.64 30.56 -3.74
CA ASP A 167 5.44 31.41 -2.85
C ASP A 167 5.31 31.10 -1.35
N ILE A 168 4.51 30.11 -0.98
CA ILE A 168 4.33 29.83 0.45
C ILE A 168 5.65 29.45 1.12
N GLU A 169 5.76 29.82 2.39
CA GLU A 169 6.91 29.50 3.23
C GLU A 169 6.45 29.19 4.65
N PRO A 170 7.13 28.26 5.33
CA PRO A 170 6.81 28.06 6.74
C PRO A 170 7.19 29.28 7.57
N ALA A 171 6.50 29.47 8.69
CA ALA A 171 6.88 30.48 9.66
C ALA A 171 8.35 30.30 10.03
N PRO A 172 9.08 31.40 10.27
CA PRO A 172 10.50 31.27 10.63
C PRO A 172 10.75 30.32 11.81
N GLU A 173 9.89 30.36 12.82
CA GLU A 173 10.04 29.51 14.01
C GLU A 173 9.86 28.03 13.69
N ALA A 174 9.02 27.73 12.71
CA ALA A 174 8.77 26.34 12.30
C ALA A 174 9.94 25.79 11.51
N LYS A 175 10.49 26.61 10.61
CA LYS A 175 11.64 26.19 9.83
C LYS A 175 12.86 25.96 10.71
N ALA A 176 13.01 26.78 11.75
CA ALA A 176 14.15 26.71 12.66
C ALA A 176 13.92 25.72 13.82
N LEU A 177 12.74 25.10 13.86
CA LEU A 177 12.41 24.10 14.88
C LEU A 177 12.49 24.62 16.32
N GLU A 178 12.08 25.88 16.53
CA GLU A 178 11.89 26.41 17.87
C GLU A 178 10.63 25.80 18.47
N PRO A 179 10.55 25.70 19.81
CA PRO A 179 9.39 25.11 20.48
C PRO A 179 8.03 25.68 20.05
N SER A 180 7.95 26.99 19.82
CA SER A 180 6.71 27.60 19.40
C SER A 180 6.34 27.21 17.97
N GLY A 181 7.29 26.66 17.22
CA GLY A 181 7.09 26.38 15.81
C GLY A 181 7.05 24.91 15.46
N VAL A 182 6.94 24.06 16.48
CA VAL A 182 6.80 22.61 16.26
C VAL A 182 5.71 22.02 17.15
N ILE A 183 5.14 20.90 16.71
CA ILE A 183 4.26 20.12 17.56
C ILE A 183 5.13 19.19 18.38
N SER A 184 4.53 18.57 19.38
CA SER A 184 5.28 17.74 20.33
C SER A 184 5.82 16.50 19.65
N ASN A 185 7.13 16.31 19.77
CA ASN A 185 7.82 15.18 19.13
C ASN A 185 7.48 15.08 17.65
N TYR A 186 7.49 16.23 16.97
CA TYR A 186 7.34 16.29 15.53
C TYR A 186 8.22 15.26 14.83
N THR A 187 7.69 14.60 13.82
CA THR A 187 8.44 13.55 13.14
C THR A 187 9.57 14.11 12.28
N ASN A 188 10.71 13.44 12.29
CA ASN A 188 11.87 13.87 11.50
C ASN A 188 12.69 12.68 11.05
N VAL B 16 -13.85 -4.29 19.16
CA VAL B 16 -12.47 -4.66 18.88
C VAL B 16 -12.18 -6.11 19.24
N GLN B 17 -11.53 -6.83 18.33
CA GLN B 17 -11.00 -8.16 18.62
C GLN B 17 -9.48 -8.08 18.56
N GLU B 18 -8.83 -8.41 19.66
CA GLU B 18 -7.37 -8.43 19.67
C GLU B 18 -6.87 -9.74 19.09
N LEU B 19 -5.92 -9.62 18.17
CA LEU B 19 -5.27 -10.77 17.56
C LEU B 19 -3.77 -10.54 17.61
N SER B 20 -3.05 -11.44 18.29
CA SER B 20 -1.61 -11.33 18.38
C SER B 20 -0.91 -12.45 17.60
N VAL B 21 0.22 -12.11 17.02
CA VAL B 21 1.03 -13.07 16.29
C VAL B 21 2.50 -12.80 16.52
N TYR B 22 3.31 -13.85 16.37
CA TYR B 22 4.76 -13.73 16.32
C TYR B 22 5.26 -13.91 14.89
N GLU B 23 6.13 -13.00 14.49
CA GLU B 23 6.80 -13.05 13.20
C GLU B 23 8.26 -13.40 13.47
N ILE B 24 8.74 -14.46 12.83
CA ILE B 24 10.09 -14.96 13.04
C ILE B 24 10.78 -15.24 11.71
N ASN B 25 12.01 -14.75 11.59
CA ASN B 25 12.87 -15.11 10.47
C ASN B 25 13.68 -16.36 10.85
N GLU B 26 13.30 -17.50 10.27
CA GLU B 26 13.97 -18.77 10.51
C GLU B 26 15.04 -19.04 9.44
N LEU B 27 15.34 -18.02 8.64
CA LEU B 27 16.49 -18.00 7.72
C LEU B 27 16.38 -18.94 6.51
N ASP B 28 15.17 -19.43 6.22
CA ASP B 28 14.97 -20.41 5.16
C ASP B 28 14.04 -19.92 4.04
N ARG B 29 13.84 -18.60 3.95
CA ARG B 29 12.98 -18.00 2.94
C ARG B 29 13.68 -16.89 2.15
N HIS B 30 15.01 -16.92 2.17
CA HIS B 30 15.84 -16.01 1.38
C HIS B 30 15.64 -14.55 1.77
N SER B 31 15.17 -14.35 3.00
CA SER B 31 14.73 -13.06 3.50
C SER B 31 15.56 -12.58 4.69
N PRO B 32 15.76 -11.25 4.81
CA PRO B 32 15.37 -10.17 3.90
C PRO B 32 16.31 -10.09 2.71
N LYS B 33 15.85 -9.42 1.66
CA LYS B 33 16.67 -9.16 0.48
C LYS B 33 16.91 -7.65 0.39
N ILE B 34 18.17 -7.24 0.42
CA ILE B 34 18.51 -5.82 0.38
C ILE B 34 18.88 -5.37 -1.03
N LEU B 35 18.13 -4.40 -1.53
CA LEU B 35 18.38 -3.75 -2.82
C LEU B 35 19.04 -2.40 -2.51
N LYS B 36 20.35 -2.31 -2.74
CA LYS B 36 21.12 -1.17 -2.28
C LYS B 36 21.20 -0.04 -3.32
N ASN B 37 20.73 1.17 -2.96
CA ASN B 37 20.86 2.34 -3.84
C ASN B 37 21.31 3.63 -3.14
N ALA B 38 21.22 3.69 -1.80
CA ALA B 38 21.74 4.84 -1.05
C ALA B 38 23.26 4.87 -1.09
N PHE B 39 23.80 6.07 -1.24
CA PHE B 39 25.25 6.24 -1.25
C PHE B 39 25.73 6.36 0.19
N SER B 40 25.66 5.24 0.91
CA SER B 40 25.97 5.19 2.33
C SER B 40 26.31 3.79 2.75
N LEU B 41 27.17 3.66 3.75
CA LEU B 41 27.44 2.34 4.33
C LEU B 41 26.28 1.88 5.19
N MET B 42 25.54 2.86 5.73
CA MET B 42 24.35 2.53 6.49
CA MET B 42 24.33 2.60 6.50
C MET B 42 23.14 2.50 5.55
N PHE B 43 22.04 1.98 6.04
CA PHE B 43 20.78 2.09 5.30
C PHE B 43 20.49 3.56 5.01
N GLY B 44 19.96 3.84 3.82
CA GLY B 44 19.55 5.19 3.48
C GLY B 44 18.42 5.20 2.47
N LEU B 45 17.80 6.36 2.27
CA LEU B 45 16.78 6.53 1.24
C LEU B 45 17.31 6.01 -0.09
N GLY B 46 16.50 5.17 -0.76
CA GLY B 46 16.93 4.49 -1.97
C GLY B 46 17.03 2.99 -1.77
N ASP B 47 17.37 2.58 -0.56
CA ASP B 47 17.45 1.16 -0.22
C ASP B 47 16.06 0.57 -0.08
N LEU B 48 15.84 -0.59 -0.70
CA LEU B 48 14.54 -1.26 -0.66
C LEU B 48 14.73 -2.66 -0.10
N VAL B 49 13.79 -3.12 0.73
CA VAL B 49 13.95 -4.43 1.38
C VAL B 49 12.67 -5.26 1.29
N PRO B 50 12.53 -6.03 0.19
CA PRO B 50 11.48 -7.05 0.14
C PRO B 50 11.75 -8.09 1.21
N PHE B 51 10.69 -8.64 1.78
CA PHE B 51 10.82 -9.59 2.88
C PHE B 51 9.63 -10.52 3.00
N THR B 52 9.88 -11.66 3.64
CA THR B 52 8.83 -12.59 3.98
C THR B 52 9.32 -13.47 5.12
N ASN B 53 8.62 -13.44 6.25
CA ASN B 53 8.95 -14.23 7.43
C ASN B 53 7.83 -15.19 7.79
N LYS B 54 8.07 -16.05 8.75
CA LYS B 54 7.05 -16.99 9.22
C LYS B 54 6.19 -16.34 10.28
N LEU B 55 4.93 -16.75 10.31
CA LEU B 55 3.96 -16.21 11.23
C LEU B 55 3.39 -17.35 12.07
N TYR B 56 3.39 -17.13 13.37
CA TYR B 56 2.87 -18.08 14.35
C TYR B 56 1.78 -17.42 15.19
N THR B 57 0.90 -18.22 15.76
CA THR B 57 -0.12 -17.71 16.65
C THR B 57 0.51 -17.06 17.87
N GLY B 58 -0.23 -16.15 18.51
CA GLY B 58 0.27 -15.46 19.69
C GLY B 58 0.64 -16.39 20.84
N ASP B 59 0.00 -17.56 20.90
CA ASP B 59 0.31 -18.53 21.98
C ASP B 59 1.43 -19.47 21.52
N LEU B 60 1.94 -19.22 20.31
CA LEU B 60 3.09 -19.94 19.74
C LEU B 60 2.83 -21.43 19.49
N LYS B 61 1.57 -21.84 19.57
CA LYS B 61 1.22 -23.26 19.37
C LYS B 61 1.17 -23.68 17.90
N LYS B 62 0.89 -22.75 16.99
CA LYS B 62 0.66 -23.11 15.60
C LYS B 62 1.31 -22.16 14.60
N ARG B 63 1.81 -22.75 13.52
CA ARG B 63 2.19 -22.02 12.31
C ARG B 63 0.92 -21.60 11.56
N VAL B 64 0.77 -20.31 11.28
CA VAL B 64 -0.42 -19.83 10.56
C VAL B 64 -0.10 -19.50 9.11
N GLY B 65 1.11 -19.00 8.87
CA GLY B 65 1.45 -18.55 7.54
C GLY B 65 2.74 -17.74 7.46
N ILE B 66 2.65 -16.61 6.77
CA ILE B 66 3.82 -15.78 6.47
C ILE B 66 3.44 -14.30 6.51
N THR B 67 4.46 -13.47 6.63
CA THR B 67 4.35 -12.07 6.22
C THR B 67 4.92 -11.97 4.83
N ALA B 68 4.53 -10.93 4.10
CA ALA B 68 5.05 -10.73 2.76
C ALA B 68 4.86 -9.28 2.34
N GLY B 69 5.93 -8.63 1.87
CA GLY B 69 5.81 -7.26 1.39
C GLY B 69 7.14 -6.54 1.25
N LEU B 70 7.10 -5.22 1.43
CA LEU B 70 8.22 -4.34 1.12
C LEU B 70 8.47 -3.31 2.23
N CYS B 71 9.72 -3.22 2.68
CA CYS B 71 10.16 -2.13 3.53
C CYS B 71 10.96 -1.14 2.70
N VAL B 72 10.50 0.10 2.67
CA VAL B 72 11.18 1.19 1.97
C VAL B 72 11.99 1.99 2.98
N VAL B 73 13.32 2.01 2.86
CA VAL B 73 14.13 2.77 3.82
C VAL B 73 13.88 4.27 3.66
N ILE B 74 13.64 4.94 4.78
CA ILE B 74 13.40 6.38 4.76
C ILE B 74 14.63 7.15 5.25
N GLU B 75 15.25 6.68 6.32
CA GLU B 75 16.41 7.33 6.87
C GLU B 75 17.10 6.45 7.91
N HIS B 76 18.41 6.64 8.06
CA HIS B 76 19.13 6.15 9.22
C HIS B 76 18.98 7.17 10.35
N VAL B 77 18.83 6.67 11.56
CA VAL B 77 18.63 7.53 12.74
C VAL B 77 19.76 7.24 13.73
N PRO B 78 20.89 7.92 13.57
CA PRO B 78 22.08 7.56 14.34
C PRO B 78 21.90 7.74 15.85
N GLU B 79 21.13 8.73 16.28
CA GLU B 79 20.95 8.96 17.71
C GLU B 79 20.08 7.89 18.39
N LYS B 80 19.37 7.10 17.59
CA LYS B 80 18.55 6.00 18.10
C LYS B 80 19.14 4.63 17.77
N LYS B 81 20.28 4.64 17.10
CA LYS B 81 20.94 3.43 16.58
C LYS B 81 20.00 2.51 15.83
N GLY B 82 19.29 3.06 14.85
CA GLY B 82 18.42 2.23 14.04
C GLY B 82 17.96 2.94 12.79
N GLU B 83 16.98 2.33 12.13
CA GLU B 83 16.43 2.81 10.86
C GLU B 83 14.94 3.10 10.94
N ARG B 84 14.50 4.04 10.12
CA ARG B 84 13.09 4.22 9.82
C ARG B 84 12.82 3.63 8.46
N PHE B 85 11.93 2.64 8.43
CA PHE B 85 11.34 2.14 7.19
C PHE B 85 9.88 2.60 7.05
N GLU B 86 9.39 2.67 5.81
CA GLU B 86 7.97 2.77 5.51
C GLU B 86 7.56 1.41 4.91
N ALA B 87 6.61 0.73 5.54
CA ALA B 87 6.30 -0.66 5.19
C ALA B 87 4.90 -0.84 4.63
N THR B 88 4.80 -1.69 3.60
CA THR B 88 3.55 -2.08 2.98
C THR B 88 3.58 -3.62 2.84
N TYR B 89 2.73 -4.31 3.59
CA TYR B 89 2.79 -5.78 3.60
C TYR B 89 1.55 -6.44 4.16
N SER B 90 1.51 -7.76 4.01
CA SER B 90 0.37 -8.55 4.42
C SER B 90 0.80 -9.71 5.32
N PHE B 91 -0.19 -10.16 6.10
CA PHE B 91 -0.08 -11.24 7.07
C PHE B 91 -1.04 -12.33 6.63
N TYR B 92 -0.53 -13.52 6.33
CA TYR B 92 -1.34 -14.58 5.77
C TYR B 92 -1.62 -15.68 6.79
N PHE B 93 -2.89 -16.09 6.83
CA PHE B 93 -3.38 -17.06 7.81
C PHE B 93 -4.03 -18.28 7.11
N GLY B 94 -3.29 -18.89 6.18
CA GLY B 94 -3.76 -20.09 5.51
C GLY B 94 -5.12 -19.92 4.86
N ASP B 95 -6.01 -20.90 5.08
CA ASP B 95 -7.35 -20.89 4.51
C ASP B 95 -8.19 -19.71 5.02
N TYR B 96 -7.80 -19.10 6.14
CA TYR B 96 -8.65 -18.08 6.74
C TYR B 96 -8.64 -16.75 5.99
N GLY B 97 -7.54 -16.42 5.33
CA GLY B 97 -7.42 -15.16 4.61
C GLY B 97 -6.19 -14.39 5.03
N HIS B 98 -6.23 -13.06 4.88
CA HIS B 98 -5.08 -12.23 5.16
C HIS B 98 -5.47 -10.85 5.65
N LEU B 99 -4.50 -10.19 6.28
CA LEU B 99 -4.58 -8.80 6.70
C LEU B 99 -3.50 -8.00 6.01
N SER B 100 -3.80 -6.76 5.62
CA SER B 100 -2.82 -5.87 4.99
C SER B 100 -2.60 -4.63 5.84
N VAL B 101 -1.36 -4.13 5.86
CA VAL B 101 -1.00 -2.97 6.66
C VAL B 101 -0.11 -1.98 5.91
N GLN B 102 -0.03 -0.77 6.44
CA GLN B 102 0.79 0.29 5.87
C GLN B 102 1.20 1.20 7.01
N GLY B 103 2.48 1.57 7.07
CA GLY B 103 2.94 2.55 8.03
C GLY B 103 4.38 2.39 8.50
N PRO B 104 4.66 2.91 9.71
CA PRO B 104 6.06 3.03 10.14
C PRO B 104 6.62 1.74 10.76
N TYR B 105 7.81 1.39 10.31
CA TYR B 105 8.52 0.20 10.77
C TYR B 105 9.89 0.71 11.22
N LEU B 106 10.04 0.88 12.53
CA LEU B 106 11.24 1.47 13.13
C LEU B 106 12.02 0.38 13.84
N THR B 107 13.31 0.24 13.55
CA THR B 107 14.05 -0.89 14.10
C THR B 107 14.40 -0.68 15.58
N TYR B 108 14.20 0.54 16.07
CA TYR B 108 14.68 0.93 17.41
C TYR B 108 13.57 1.11 18.45
N GLU B 109 12.32 1.06 18.03
CA GLU B 109 11.23 1.24 18.99
C GLU B 109 9.92 0.70 18.44
N ASP B 110 8.97 0.47 19.32
CA ASP B 110 7.63 0.01 18.93
C ASP B 110 6.90 1.08 18.12
N SER B 111 5.97 0.65 17.29
CA SER B 111 5.17 1.57 16.48
C SER B 111 3.76 1.01 16.26
N PHE B 112 2.88 1.88 15.74
CA PHE B 112 1.56 1.46 15.24
C PHE B 112 1.49 1.63 13.73
N LEU B 113 0.96 0.62 13.05
CA LEU B 113 0.68 0.70 11.62
C LEU B 113 -0.84 0.67 11.36
N ALA B 114 -1.23 1.14 10.19
CA ALA B 114 -2.63 1.15 9.76
C ALA B 114 -3.01 -0.20 9.22
N ILE B 115 -4.17 -0.70 9.61
CA ILE B 115 -4.76 -1.86 8.95
C ILE B 115 -5.54 -1.37 7.73
N THR B 116 -5.03 -1.66 6.54
CA THR B 116 -5.62 -1.12 5.32
C THR B 116 -6.79 -1.94 4.78
N GLY B 117 -6.88 -3.20 5.22
CA GLY B 117 -7.96 -4.08 4.80
C GLY B 117 -7.60 -5.53 5.01
N GLY B 118 -8.52 -6.43 4.63
CA GLY B 118 -8.28 -7.86 4.67
C GLY B 118 -9.12 -8.62 3.67
N ALA B 119 -8.99 -9.95 3.69
CA ALA B 119 -9.80 -10.85 2.87
C ALA B 119 -10.11 -12.12 3.65
N GLY B 120 -11.07 -12.90 3.17
CA GLY B 120 -11.51 -14.10 3.88
C GLY B 120 -12.22 -13.69 5.16
N ILE B 121 -11.91 -14.34 6.29
CA ILE B 121 -12.55 -13.98 7.55
C ILE B 121 -12.16 -12.55 7.97
N PHE B 122 -11.12 -12.01 7.34
CA PHE B 122 -10.66 -10.65 7.63
C PHE B 122 -11.21 -9.58 6.70
N GLU B 123 -12.13 -9.95 5.82
CA GLU B 123 -12.82 -8.98 4.98
C GLU B 123 -13.45 -7.89 5.86
N GLY B 124 -13.26 -6.64 5.48
CA GLY B 124 -13.80 -5.52 6.22
C GLY B 124 -12.94 -5.03 7.38
N ALA B 125 -11.82 -5.69 7.63
CA ALA B 125 -10.95 -5.31 8.75
C ALA B 125 -10.48 -3.87 8.65
N TYR B 126 -10.45 -3.19 9.79
CA TYR B 126 -9.79 -1.89 9.91
C TYR B 126 -9.31 -1.70 11.34
N GLY B 127 -8.53 -0.64 11.55
CA GLY B 127 -7.98 -0.32 12.85
C GLY B 127 -6.49 -0.14 12.74
N GLN B 128 -5.79 -0.34 13.85
CA GLN B 128 -4.32 -0.23 13.89
C GLN B 128 -3.72 -1.48 14.54
N VAL B 129 -2.44 -1.69 14.29
CA VAL B 129 -1.72 -2.81 14.84
C VAL B 129 -0.43 -2.33 15.50
N LYS B 130 -0.17 -2.84 16.69
CA LYS B 130 1.05 -2.52 17.41
C LYS B 130 2.15 -3.49 17.05
N LEU B 131 3.25 -2.95 16.52
CA LEU B 131 4.48 -3.68 16.23
C LEU B 131 5.41 -3.53 17.42
N GLN B 132 5.72 -4.65 18.06
CA GLN B 132 6.62 -4.65 19.21
C GLN B 132 7.95 -5.26 18.86
N GLN B 133 9.01 -4.49 19.12
CA GLN B 133 10.36 -5.04 19.03
C GLN B 133 10.52 -6.22 19.95
N LEU B 134 11.21 -7.23 19.48
CA LEU B 134 11.63 -8.32 20.36
C LEU B 134 13.12 -8.48 20.24
N VAL B 135 13.54 -9.03 19.10
CA VAL B 135 14.93 -9.33 18.83
C VAL B 135 15.22 -8.97 17.39
N TYR B 136 15.95 -7.88 17.19
CA TYR B 136 16.30 -7.45 15.85
C TYR B 136 17.49 -8.26 15.38
N PRO B 137 17.47 -8.73 14.13
CA PRO B 137 16.42 -8.72 13.11
C PRO B 137 15.83 -10.12 12.92
N THR B 138 15.18 -10.65 13.97
CA THR B 138 14.78 -12.04 13.97
C THR B 138 13.35 -12.28 14.43
N LYS B 139 12.91 -11.52 15.42
CA LYS B 139 11.63 -11.76 16.06
C LYS B 139 10.86 -10.47 16.27
N LEU B 140 9.58 -10.50 15.93
CA LEU B 140 8.66 -9.42 16.25
C LEU B 140 7.36 -9.99 16.83
N PHE B 141 6.66 -9.15 17.59
CA PHE B 141 5.36 -9.50 18.17
C PHE B 141 4.38 -8.42 17.80
N TYR B 142 3.22 -8.84 17.28
CA TYR B 142 2.18 -7.91 16.86
C TYR B 142 0.89 -8.10 17.62
N THR B 143 0.18 -7.01 17.86
CA THR B 143 -1.21 -7.08 18.32
C THR B 143 -2.09 -6.21 17.43
N PHE B 144 -2.95 -6.87 16.65
CA PHE B 144 -3.94 -6.21 15.83
C PHE B 144 -5.14 -5.86 16.67
N TYR B 145 -5.59 -4.61 16.59
CA TYR B 145 -6.81 -4.18 17.26
C TYR B 145 -7.93 -4.12 16.22
N LEU B 146 -8.49 -5.29 15.92
CA LEU B 146 -9.33 -5.49 14.74
C LEU B 146 -10.78 -5.06 14.93
N LYS B 147 -11.22 -4.16 14.06
CA LYS B 147 -12.61 -3.77 13.90
C LYS B 147 -13.15 -4.22 12.54
N GLY B 148 -14.47 -4.36 12.44
CA GLY B 148 -15.11 -4.58 11.16
C GLY B 148 -15.26 -6.03 10.74
N LEU B 149 -14.80 -6.97 11.55
CA LEU B 149 -14.93 -8.40 11.22
C LEU B 149 -16.39 -8.87 11.29
N ALA B 150 -16.74 -9.78 10.38
CA ALA B 150 -18.08 -10.37 10.33
C ALA B 150 -18.40 -11.24 11.54
N ASN B 151 -17.40 -11.98 12.02
CA ASN B 151 -17.59 -12.96 13.07
C ASN B 151 -16.47 -12.94 14.10
N ASP B 152 -16.71 -13.59 15.23
CA ASP B 152 -15.65 -13.86 16.19
C ASP B 152 -14.55 -14.66 15.50
N LEU B 153 -13.31 -14.31 15.82
CA LEU B 153 -12.18 -15.06 15.33
C LEU B 153 -12.24 -16.50 15.81
N PRO B 154 -11.69 -17.42 15.00
CA PRO B 154 -11.65 -18.83 15.41
C PRO B 154 -10.77 -19.04 16.65
N LEU B 155 -11.16 -19.98 17.49
CA LEU B 155 -10.47 -20.17 18.77
C LEU B 155 -8.99 -20.51 18.60
N GLU B 156 -8.64 -21.25 17.56
CA GLU B 156 -7.24 -21.64 17.41
C GLU B 156 -6.33 -20.46 17.12
N LEU B 157 -6.92 -19.31 16.78
CA LEU B 157 -6.15 -18.06 16.59
C LEU B 157 -6.10 -17.14 17.79
N THR B 158 -6.92 -17.41 18.83
CA THR B 158 -7.05 -16.47 19.93
C THR B 158 -6.71 -17.07 21.30
N GLY B 159 -5.85 -18.09 21.30
CA GLY B 159 -5.28 -18.59 22.54
C GLY B 159 -4.54 -17.48 23.26
N THR B 160 -4.51 -17.54 24.60
CA THR B 160 -3.81 -16.51 25.37
C THR B 160 -2.37 -16.33 24.89
N PRO B 161 -2.00 -15.10 24.50
CA PRO B 161 -0.66 -15.00 23.94
C PRO B 161 0.44 -15.25 24.95
N VAL B 162 1.56 -15.79 24.50
CA VAL B 162 2.76 -15.87 25.33
C VAL B 162 3.30 -14.45 25.46
N PRO B 163 3.56 -13.98 26.70
CA PRO B 163 4.11 -12.63 26.84
C PRO B 163 5.43 -12.52 26.10
N PRO B 164 5.62 -11.44 25.32
CA PRO B 164 6.84 -11.33 24.53
C PRO B 164 8.10 -11.15 25.37
N SER B 165 9.10 -11.94 25.05
CA SER B 165 10.45 -11.78 25.58
C SER B 165 11.44 -12.33 24.55
N LYS B 166 12.72 -12.07 24.77
CA LYS B 166 13.76 -12.43 23.80
C LYS B 166 13.86 -13.93 23.56
N ASP B 167 13.47 -14.73 24.55
CA ASP B 167 13.69 -16.17 24.48
C ASP B 167 12.47 -16.99 24.05
N ILE B 168 11.42 -16.35 23.56
CA ILE B 168 10.26 -17.13 23.08
C ILE B 168 10.66 -18.01 21.90
N GLU B 169 9.97 -19.13 21.76
CA GLU B 169 10.15 -20.06 20.65
C GLU B 169 8.80 -20.65 20.30
N PRO B 170 8.57 -20.92 19.01
CA PRO B 170 7.34 -21.65 18.64
C PRO B 170 7.35 -23.06 19.20
N ALA B 171 6.17 -23.62 19.43
CA ALA B 171 6.04 -25.01 19.86
C ALA B 171 6.80 -25.91 18.87
N PRO B 172 7.40 -27.00 19.37
CA PRO B 172 8.13 -27.89 18.45
C PRO B 172 7.28 -28.41 17.29
N GLU B 173 6.02 -28.75 17.56
CA GLU B 173 5.12 -29.23 16.52
C GLU B 173 4.86 -28.18 15.43
N ALA B 174 4.87 -26.92 15.82
CA ALA B 174 4.65 -25.83 14.88
C ALA B 174 5.87 -25.63 13.98
N LYS B 175 7.04 -25.61 14.60
CA LYS B 175 8.28 -25.52 13.86
C LYS B 175 8.47 -26.68 12.88
N ALA B 176 8.02 -27.87 13.27
CA ALA B 176 8.20 -29.09 12.46
C ALA B 176 7.04 -29.32 11.50
N LEU B 177 6.03 -28.46 11.55
CA LEU B 177 4.90 -28.51 10.62
C LEU B 177 4.11 -29.80 10.71
N GLU B 178 3.97 -30.32 11.92
CA GLU B 178 3.08 -31.44 12.20
C GLU B 178 1.65 -30.92 12.20
N PRO B 179 0.67 -31.75 11.79
CA PRO B 179 -0.71 -31.26 11.73
C PRO B 179 -1.22 -30.59 13.00
N SER B 180 -0.82 -31.07 14.18
CA SER B 180 -1.25 -30.47 15.44
C SER B 180 -0.66 -29.08 15.64
N GLY B 181 0.38 -28.75 14.89
CA GLY B 181 1.07 -27.47 15.04
C GLY B 181 0.86 -26.49 13.88
N VAL B 182 -0.13 -26.74 13.03
CA VAL B 182 -0.38 -25.84 11.88
C VAL B 182 -1.86 -25.61 11.70
N ILE B 183 -2.22 -24.48 11.08
CA ILE B 183 -3.59 -24.29 10.64
C ILE B 183 -3.71 -24.85 9.22
N SER B 184 -4.94 -25.10 8.78
CA SER B 184 -5.19 -25.73 7.49
CA SER B 184 -5.17 -25.75 7.49
C SER B 184 -4.66 -24.88 6.35
N ASN B 185 -3.95 -25.53 5.42
CA ASN B 185 -3.30 -24.83 4.31
C ASN B 185 -2.45 -23.64 4.76
N TYR B 186 -1.73 -23.77 5.89
CA TYR B 186 -0.88 -22.68 6.39
C TYR B 186 -0.04 -22.14 5.24
N THR B 187 0.06 -20.82 5.17
CA THR B 187 0.74 -20.17 4.07
C THR B 187 2.25 -20.38 4.16
N ASN B 188 2.86 -20.67 3.02
CA ASN B 188 4.30 -20.91 2.97
C ASN B 188 4.87 -20.56 1.61
N VAL C 16 -23.60 -4.91 -0.35
CA VAL C 16 -22.53 -5.17 -1.30
C VAL C 16 -22.99 -4.84 -2.72
N GLN C 17 -22.13 -4.13 -3.45
CA GLN C 17 -22.34 -3.91 -4.88
C GLN C 17 -21.24 -4.63 -5.63
N GLU C 18 -21.61 -5.60 -6.45
CA GLU C 18 -20.62 -6.30 -7.24
C GLU C 18 -20.24 -5.50 -8.46
N LEU C 19 -18.93 -5.36 -8.65
CA LEU C 19 -18.37 -4.70 -9.80
C LEU C 19 -17.32 -5.61 -10.39
N SER C 20 -17.50 -6.00 -11.65
CA SER C 20 -16.55 -6.81 -12.37
C SER C 20 -15.88 -6.00 -13.47
N VAL C 21 -14.59 -6.27 -13.66
CA VAL C 21 -13.82 -5.65 -14.72
C VAL C 21 -12.87 -6.67 -15.33
N TYR C 22 -12.45 -6.40 -16.56
CA TYR C 22 -11.42 -7.18 -17.23
C TYR C 22 -10.15 -6.36 -17.36
N GLU C 23 -9.05 -6.95 -16.90
CA GLU C 23 -7.73 -6.38 -17.05
C GLU C 23 -7.05 -7.09 -18.21
N ILE C 24 -6.60 -6.32 -19.19
CA ILE C 24 -6.00 -6.86 -20.39
C ILE C 24 -4.68 -6.20 -20.65
N ASN C 25 -3.65 -7.04 -20.80
CA ASN C 25 -2.36 -6.55 -21.21
C ASN C 25 -2.30 -6.67 -22.74
N GLU C 26 -2.35 -5.53 -23.41
CA GLU C 26 -2.30 -5.47 -24.86
C GLU C 26 -0.88 -5.18 -25.36
N LEU C 27 0.07 -5.21 -24.42
CA LEU C 27 1.52 -5.14 -24.67
C LEU C 27 2.01 -3.82 -25.27
N ASP C 28 1.20 -2.77 -25.15
CA ASP C 28 1.53 -1.45 -25.70
C ASP C 28 1.74 -0.38 -24.63
N ARG C 29 2.02 -0.82 -23.41
CA ARG C 29 2.26 0.10 -22.28
C ARG C 29 3.59 -0.20 -21.55
N HIS C 30 4.51 -0.87 -22.23
CA HIS C 30 5.84 -1.19 -21.71
C HIS C 30 5.80 -2.13 -20.50
N SER C 31 4.69 -2.84 -20.36
CA SER C 31 4.36 -3.57 -19.14
C SER C 31 4.19 -5.05 -19.43
N PRO C 32 4.69 -5.93 -18.55
CA PRO C 32 5.36 -5.68 -17.28
C PRO C 32 6.81 -5.27 -17.47
N LYS C 33 7.34 -4.54 -16.51
CA LYS C 33 8.77 -4.23 -16.46
C LYS C 33 9.40 -5.05 -15.34
N ILE C 34 10.33 -5.93 -15.68
CA ILE C 34 10.93 -6.83 -14.69
C ILE C 34 12.26 -6.28 -14.16
N LEU C 35 12.31 -6.03 -12.86
CA LEU C 35 13.52 -5.60 -12.19
C LEU C 35 14.10 -6.83 -11.51
N LYS C 36 15.06 -7.47 -12.16
CA LYS C 36 15.51 -8.79 -11.72
C LYS C 36 16.72 -8.65 -10.80
N ASN C 37 16.53 -9.02 -9.54
CA ASN C 37 17.56 -8.89 -8.49
C ASN C 37 17.75 -10.16 -7.64
N ALA C 38 16.88 -11.15 -7.78
CA ALA C 38 16.86 -12.32 -6.89
C ALA C 38 18.11 -13.20 -6.96
N PHE C 39 18.36 -13.93 -5.88
CA PHE C 39 19.45 -14.90 -5.80
C PHE C 39 19.39 -15.96 -6.90
N SER C 40 18.20 -16.14 -7.46
CA SER C 40 17.89 -17.23 -8.40
C SER C 40 17.66 -16.80 -9.86
N LEU C 41 17.82 -17.76 -10.76
CA LEU C 41 17.44 -17.54 -12.15
C LEU C 41 15.92 -17.37 -12.27
N MET C 42 15.17 -18.24 -11.59
CA MET C 42 13.72 -18.10 -11.59
C MET C 42 13.35 -16.87 -10.77
N PHE C 43 12.08 -16.46 -10.86
CA PHE C 43 11.61 -15.36 -10.02
C PHE C 43 11.87 -15.72 -8.57
N GLY C 44 12.28 -14.74 -7.78
CA GLY C 44 12.50 -14.91 -6.37
C GLY C 44 12.45 -13.58 -5.61
N LEU C 45 12.50 -13.67 -4.29
CA LEU C 45 12.52 -12.46 -3.45
C LEU C 45 13.65 -11.54 -3.91
N GLY C 46 13.34 -10.27 -4.06
CA GLY C 46 14.28 -9.32 -4.67
C GLY C 46 13.78 -8.78 -5.99
N ASP C 47 13.03 -9.62 -6.71
CA ASP C 47 12.48 -9.22 -7.99
C ASP C 47 11.26 -8.34 -7.80
N LEU C 48 11.22 -7.24 -8.54
CA LEU C 48 10.10 -6.31 -8.50
C LEU C 48 9.53 -6.15 -9.90
N VAL C 49 8.21 -6.03 -9.99
CA VAL C 49 7.54 -5.88 -11.28
C VAL C 49 6.52 -4.75 -11.24
N PRO C 50 6.97 -3.53 -11.56
CA PRO C 50 6.00 -2.47 -11.83
C PRO C 50 5.20 -2.80 -13.08
N PHE C 51 3.93 -2.44 -13.07
CA PHE C 51 3.03 -2.81 -14.16
C PHE C 51 1.88 -1.83 -14.34
N THR C 52 1.30 -1.86 -15.54
CA THR C 52 0.09 -1.12 -15.88
C THR C 52 -0.57 -1.76 -17.10
N ASN C 53 -1.81 -2.21 -16.92
CA ASN C 53 -2.59 -2.81 -18.01
C ASN C 53 -3.84 -1.98 -18.29
N LYS C 54 -4.53 -2.31 -19.37
CA LYS C 54 -5.79 -1.69 -19.68
C LYS C 54 -6.92 -2.33 -18.91
N LEU C 55 -7.95 -1.53 -18.65
CA LEU C 55 -9.10 -1.96 -17.87
C LEU C 55 -10.38 -1.70 -18.65
N TYR C 56 -11.20 -2.73 -18.74
CA TYR C 56 -12.48 -2.67 -19.45
C TYR C 56 -13.61 -3.06 -18.52
N THR C 57 -14.83 -2.65 -18.87
CA THR C 57 -16.00 -3.06 -18.12
C THR C 57 -16.19 -4.56 -18.12
N GLY C 58 -16.95 -5.05 -17.15
CA GLY C 58 -17.20 -6.48 -17.04
C GLY C 58 -17.98 -7.04 -18.22
N ASP C 59 -18.76 -6.20 -18.89
CA ASP C 59 -19.49 -6.64 -20.10
C ASP C 59 -18.67 -6.45 -21.38
N LEU C 60 -17.42 -6.02 -21.18
CA LEU C 60 -16.42 -5.84 -22.24
C LEU C 60 -16.77 -4.79 -23.29
N LYS C 61 -17.81 -4.00 -23.03
CA LYS C 61 -18.27 -3.03 -24.02
C LYS C 61 -17.48 -1.74 -24.03
N LYS C 62 -16.87 -1.37 -22.91
CA LYS C 62 -16.19 -0.09 -22.80
C LYS C 62 -14.84 -0.15 -22.11
N ARG C 63 -13.91 0.63 -22.65
CA ARG C 63 -12.66 0.93 -22.00
C ARG C 63 -12.93 1.91 -20.86
N VAL C 64 -12.50 1.59 -19.64
CA VAL C 64 -12.68 2.51 -18.51
C VAL C 64 -11.38 3.19 -18.09
N GLY C 65 -10.26 2.48 -18.19
CA GLY C 65 -9.00 3.04 -17.71
C GLY C 65 -7.88 2.03 -17.69
N ILE C 66 -7.14 2.00 -16.59
CA ILE C 66 -5.93 1.20 -16.46
C ILE C 66 -5.83 0.63 -15.06
N THR C 67 -4.97 -0.39 -14.92
CA THR C 67 -4.43 -0.78 -13.62
C THR C 67 -3.04 -0.13 -13.54
N ALA C 68 -2.53 0.08 -12.33
CA ALA C 68 -1.23 0.67 -12.14
C ALA C 68 -0.69 0.36 -10.76
N GLY C 69 0.55 -0.14 -10.69
CA GLY C 69 1.17 -0.43 -9.41
C GLY C 69 2.39 -1.33 -9.46
N LEU C 70 2.59 -2.10 -8.39
CA LEU C 70 3.79 -2.86 -8.16
C LEU C 70 3.49 -4.27 -7.67
N CYS C 71 4.07 -5.26 -8.34
CA CYS C 71 4.12 -6.62 -7.84
C CYS C 71 5.49 -6.92 -7.25
N VAL C 72 5.50 -7.36 -6.00
CA VAL C 72 6.73 -7.74 -5.29
C VAL C 72 6.82 -9.25 -5.25
N VAL C 73 7.83 -9.85 -5.86
CA VAL C 73 7.96 -11.31 -5.81
C VAL C 73 8.28 -11.73 -4.38
N ILE C 74 7.56 -12.76 -3.91
CA ILE C 74 7.77 -13.31 -2.58
C ILE C 74 8.51 -14.64 -2.64
N GLU C 75 8.10 -15.50 -3.56
CA GLU C 75 8.76 -16.79 -3.76
C GLU C 75 8.36 -17.43 -5.09
N HIS C 76 9.24 -18.30 -5.60
CA HIS C 76 8.86 -19.27 -6.61
C HIS C 76 8.20 -20.46 -5.91
N VAL C 77 7.18 -21.03 -6.59
CA VAL C 77 6.42 -22.16 -6.08
C VAL C 77 6.56 -23.33 -7.06
N PRO C 78 7.65 -24.09 -6.93
CA PRO C 78 7.94 -25.08 -7.98
C PRO C 78 6.88 -26.17 -8.14
N GLU C 79 6.22 -26.58 -7.06
CA GLU C 79 5.19 -27.61 -7.15
C GLU C 79 4.05 -27.16 -8.07
N LYS C 80 3.83 -25.85 -8.15
CA LYS C 80 2.73 -25.29 -8.93
C LYS C 80 3.20 -24.65 -10.23
N LYS C 81 4.50 -24.72 -10.51
CA LYS C 81 5.08 -24.12 -11.69
C LYS C 81 4.69 -22.64 -11.85
N GLY C 82 4.69 -21.91 -10.75
CA GLY C 82 4.28 -20.51 -10.76
C GLY C 82 4.95 -19.70 -9.66
N GLU C 83 4.53 -18.44 -9.54
CA GLU C 83 5.08 -17.51 -8.56
C GLU C 83 4.03 -16.98 -7.59
N ARG C 84 4.48 -16.63 -6.39
CA ARG C 84 3.70 -15.81 -5.47
C ARG C 84 4.21 -14.38 -5.48
N PHE C 85 3.30 -13.44 -5.79
CA PHE C 85 3.57 -12.00 -5.67
C PHE C 85 2.77 -11.40 -4.52
N GLU C 86 3.30 -10.32 -3.94
CA GLU C 86 2.53 -9.41 -3.08
C GLU C 86 2.30 -8.14 -3.89
N ALA C 87 1.04 -7.78 -4.09
CA ALA C 87 0.70 -6.69 -5.02
C ALA C 87 0.06 -5.49 -4.35
N THR C 88 0.51 -4.30 -4.77
CA THR C 88 -0.01 -3.01 -4.34
C THR C 88 -0.36 -2.22 -5.57
N TYR C 89 -1.65 -2.00 -5.84
CA TYR C 89 -2.02 -1.30 -7.08
C TYR C 89 -3.42 -0.75 -7.07
N SER C 90 -3.69 0.08 -8.08
CA SER C 90 -4.97 0.74 -8.24
C SER C 90 -5.62 0.46 -9.61
N PHE C 91 -6.94 0.61 -9.61
CA PHE C 91 -7.83 0.43 -10.75
C PHE C 91 -8.46 1.78 -11.07
N TYR C 92 -8.23 2.29 -12.27
CA TYR C 92 -8.69 3.63 -12.64
C TYR C 92 -9.87 3.58 -13.59
N PHE C 93 -10.87 4.41 -13.26
CA PHE C 93 -12.15 4.47 -14.00
C PHE C 93 -12.42 5.89 -14.50
N GLY C 94 -11.47 6.49 -15.21
CA GLY C 94 -11.65 7.81 -15.76
C GLY C 94 -12.06 8.84 -14.73
N ASP C 95 -13.08 9.64 -15.05
CA ASP C 95 -13.52 10.69 -14.11
C ASP C 95 -14.29 10.14 -12.90
N TYR C 96 -14.67 8.88 -12.93
CA TYR C 96 -15.38 8.30 -11.79
C TYR C 96 -14.51 8.18 -10.53
N GLY C 97 -13.20 7.93 -10.71
CA GLY C 97 -12.29 7.76 -9.57
C GLY C 97 -11.49 6.48 -9.70
N HIS C 98 -11.03 5.96 -8.55
CA HIS C 98 -10.23 4.74 -8.53
C HIS C 98 -10.47 3.90 -7.30
N LEU C 99 -10.04 2.63 -7.39
CA LEU C 99 -9.99 1.69 -6.29
C LEU C 99 -8.57 1.23 -6.07
N SER C 100 -8.18 1.06 -4.81
CA SER C 100 -6.84 0.55 -4.45
C SER C 100 -6.94 -0.79 -3.73
N VAL C 101 -5.94 -1.63 -3.95
CA VAL C 101 -5.93 -2.98 -3.37
C VAL C 101 -4.55 -3.36 -2.87
N GLN C 102 -4.53 -4.36 -1.99
CA GLN C 102 -3.30 -4.95 -1.47
C GLN C 102 -3.54 -6.42 -1.22
N GLY C 103 -2.61 -7.27 -1.65
CA GLY C 103 -2.71 -8.68 -1.32
C GLY C 103 -2.00 -9.59 -2.32
N PRO C 104 -2.40 -10.87 -2.34
CA PRO C 104 -1.66 -11.87 -3.10
C PRO C 104 -2.08 -12.00 -4.54
N TYR C 105 -1.11 -12.06 -5.44
CA TYR C 105 -1.33 -12.47 -6.81
C TYR C 105 -0.47 -13.71 -7.03
N LEU C 106 -1.14 -14.82 -7.26
CA LEU C 106 -0.49 -16.11 -7.53
C LEU C 106 -0.67 -16.42 -9.00
N THR C 107 0.42 -16.69 -9.72
CA THR C 107 0.29 -16.87 -11.15
C THR C 107 -0.44 -18.18 -11.52
N TYR C 108 -0.62 -19.05 -10.54
CA TYR C 108 -1.14 -20.39 -10.79
C TYR C 108 -2.53 -20.68 -10.23
N GLU C 109 -3.14 -19.75 -9.52
CA GLU C 109 -4.48 -19.97 -9.01
C GLU C 109 -5.14 -18.66 -8.60
N ASP C 110 -6.45 -18.69 -8.53
CA ASP C 110 -7.25 -17.52 -8.12
C ASP C 110 -6.89 -17.10 -6.69
N SER C 111 -7.16 -15.85 -6.39
CA SER C 111 -6.93 -15.33 -5.05
C SER C 111 -7.92 -14.22 -4.73
N PHE C 112 -7.86 -13.76 -3.49
CA PHE C 112 -8.58 -12.58 -3.04
C PHE C 112 -7.61 -11.53 -2.52
N LEU C 113 -7.85 -10.28 -2.89
CA LEU C 113 -7.10 -9.14 -2.37
C LEU C 113 -7.97 -8.24 -1.51
N ALA C 114 -7.34 -7.45 -0.65
CA ALA C 114 -8.02 -6.46 0.16
C ALA C 114 -8.28 -5.19 -0.64
N ILE C 115 -9.48 -4.63 -0.52
CA ILE C 115 -9.76 -3.28 -1.02
C ILE C 115 -9.32 -2.29 0.05
N THR C 116 -8.25 -1.56 -0.22
CA THR C 116 -7.64 -0.67 0.79
C THR C 116 -8.29 0.71 0.81
N GLY C 117 -9.06 1.03 -0.22
CA GLY C 117 -9.75 2.31 -0.25
C GLY C 117 -10.07 2.75 -1.66
N GLY C 118 -10.63 3.95 -1.81
CA GLY C 118 -10.96 4.46 -3.12
C GLY C 118 -11.11 5.97 -3.11
N ALA C 119 -11.35 6.56 -4.28
CA ALA C 119 -11.60 7.99 -4.40
C ALA C 119 -12.67 8.24 -5.46
N GLY C 120 -13.19 9.46 -5.51
CA GLY C 120 -14.29 9.76 -6.42
C GLY C 120 -15.54 9.04 -5.97
N ILE C 121 -16.23 8.38 -6.90
CA ILE C 121 -17.44 7.64 -6.51
C ILE C 121 -17.10 6.45 -5.63
N PHE C 122 -15.83 6.08 -5.60
CA PHE C 122 -15.36 4.95 -4.80
C PHE C 122 -14.85 5.35 -3.41
N GLU C 123 -15.05 6.62 -3.03
CA GLU C 123 -14.66 7.06 -1.71
C GLU C 123 -15.39 6.20 -0.69
N GLY C 124 -14.65 5.73 0.31
CA GLY C 124 -15.20 4.93 1.39
C GLY C 124 -15.22 3.44 1.11
N ALA C 125 -14.73 3.04 -0.06
CA ALA C 125 -14.75 1.63 -0.46
C ALA C 125 -13.98 0.73 0.52
N TYR C 126 -14.57 -0.42 0.80
CA TYR C 126 -13.88 -1.47 1.53
C TYR C 126 -14.45 -2.82 1.13
N GLY C 127 -13.76 -3.88 1.55
CA GLY C 127 -14.14 -5.23 1.18
C GLY C 127 -12.98 -6.00 0.58
N GLN C 128 -13.32 -7.01 -0.22
CA GLN C 128 -12.32 -7.84 -0.88
C GLN C 128 -12.68 -7.98 -2.35
N VAL C 129 -11.69 -8.34 -3.16
CA VAL C 129 -11.88 -8.51 -4.59
C VAL C 129 -11.30 -9.87 -5.01
N LYS C 130 -12.05 -10.60 -5.83
CA LYS C 130 -11.62 -11.88 -6.38
C LYS C 130 -10.85 -11.66 -7.67
N LEU C 131 -9.67 -12.25 -7.74
CA LEU C 131 -8.81 -12.19 -8.91
C LEU C 131 -8.80 -13.56 -9.58
N GLN C 132 -9.20 -13.60 -10.85
CA GLN C 132 -9.16 -14.81 -11.68
C GLN C 132 -8.32 -14.58 -12.94
N GLN C 133 -7.22 -15.29 -13.07
CA GLN C 133 -6.42 -15.20 -14.28
C GLN C 133 -6.96 -16.16 -15.33
N LEU C 134 -7.15 -15.65 -16.55
CA LEU C 134 -7.76 -16.41 -17.63
C LEU C 134 -6.73 -16.83 -18.64
N VAL C 135 -5.82 -15.92 -18.94
CA VAL C 135 -4.66 -16.22 -19.79
C VAL C 135 -3.45 -15.58 -19.13
N TYR C 136 -2.45 -16.39 -18.84
CA TYR C 136 -1.21 -15.88 -18.22
C TYR C 136 -0.31 -15.29 -19.28
N PRO C 137 0.06 -13.99 -19.18
CA PRO C 137 -0.28 -12.93 -18.21
C PRO C 137 -1.26 -11.87 -18.74
N THR C 138 -1.95 -12.15 -19.84
CA THR C 138 -2.62 -11.11 -20.62
C THR C 138 -4.08 -10.83 -20.27
N LYS C 139 -4.77 -11.76 -19.63
CA LYS C 139 -6.20 -11.55 -19.34
C LYS C 139 -6.53 -11.95 -17.93
N LEU C 140 -7.08 -11.00 -17.18
CA LEU C 140 -7.55 -11.27 -15.83
C LEU C 140 -8.94 -10.71 -15.63
N PHE C 141 -9.71 -11.35 -14.75
CA PHE C 141 -11.08 -10.95 -14.50
C PHE C 141 -11.22 -10.73 -13.01
N TYR C 142 -11.80 -9.59 -12.61
CA TYR C 142 -11.93 -9.23 -11.21
C TYR C 142 -13.39 -9.05 -10.83
N THR C 143 -13.72 -9.46 -9.62
CA THR C 143 -15.03 -9.16 -9.05
C THR C 143 -14.83 -8.51 -7.69
N PHE C 144 -15.12 -7.21 -7.63
CA PHE C 144 -15.03 -6.42 -6.41
C PHE C 144 -16.32 -6.59 -5.64
N TYR C 145 -16.24 -6.97 -4.38
CA TYR C 145 -17.42 -7.04 -3.54
C TYR C 145 -17.47 -5.78 -2.69
N LEU C 146 -17.96 -4.70 -3.30
CA LEU C 146 -17.76 -3.34 -2.76
C LEU C 146 -18.77 -2.95 -1.70
N LYS C 147 -18.24 -2.54 -0.55
CA LYS C 147 -19.04 -1.96 0.51
C LYS C 147 -18.59 -0.53 0.73
N GLY C 148 -19.45 0.29 1.35
CA GLY C 148 -19.05 1.61 1.78
C GLY C 148 -19.33 2.74 0.80
N LEU C 149 -19.78 2.42 -0.41
CA LEU C 149 -20.03 3.46 -1.40
C LEU C 149 -21.22 4.33 -1.03
N ALA C 150 -21.16 5.61 -1.42
CA ALA C 150 -22.23 6.55 -1.08
C ALA C 150 -23.47 6.39 -1.98
N ASN C 151 -23.27 5.87 -3.18
CA ASN C 151 -24.36 5.73 -4.15
C ASN C 151 -24.28 4.42 -4.94
N ASP C 152 -25.39 4.07 -5.61
CA ASP C 152 -25.35 3.00 -6.59
C ASP C 152 -24.33 3.33 -7.66
N LEU C 153 -23.63 2.31 -8.12
CA LEU C 153 -22.69 2.46 -9.22
C LEU C 153 -23.42 2.90 -10.49
N PRO C 154 -22.73 3.68 -11.35
CA PRO C 154 -23.34 4.09 -12.62
C PRO C 154 -23.66 2.89 -13.50
N LEU C 155 -24.75 2.96 -14.25
CA LEU C 155 -25.17 1.82 -15.05
C LEU C 155 -24.12 1.43 -16.10
N GLU C 156 -23.37 2.39 -16.62
CA GLU C 156 -22.46 2.00 -17.70
C GLU C 156 -21.30 1.14 -17.15
N LEU C 157 -21.17 1.04 -15.82
CA LEU C 157 -20.17 0.15 -15.20
C LEU C 157 -20.73 -1.19 -14.72
N THR C 158 -22.06 -1.34 -14.71
CA THR C 158 -22.67 -2.54 -14.13
C THR C 158 -23.49 -3.38 -15.11
N GLY C 159 -23.19 -3.29 -16.40
CA GLY C 159 -23.76 -4.20 -17.37
C GLY C 159 -23.43 -5.65 -17.01
N THR C 160 -24.29 -6.58 -17.38
CA THR C 160 -24.08 -7.98 -17.07
C THR C 160 -22.73 -8.45 -17.57
N PRO C 161 -21.89 -8.97 -16.65
CA PRO C 161 -20.56 -9.36 -17.10
C PRO C 161 -20.60 -10.52 -18.09
N VAL C 162 -19.70 -10.45 -19.06
CA VAL C 162 -19.41 -11.60 -19.89
C VAL C 162 -18.80 -12.68 -18.99
N PRO C 163 -19.30 -13.93 -19.08
CA PRO C 163 -18.71 -14.94 -18.20
C PRO C 163 -17.22 -15.16 -18.54
N PRO C 164 -16.36 -15.31 -17.53
CA PRO C 164 -14.93 -15.36 -17.82
C PRO C 164 -14.48 -16.67 -18.46
N SER C 165 -13.63 -16.55 -19.47
CA SER C 165 -13.02 -17.69 -20.13
C SER C 165 -11.80 -17.17 -20.86
N LYS C 166 -10.93 -18.09 -21.30
CA LYS C 166 -9.72 -17.71 -22.02
C LYS C 166 -10.00 -17.03 -23.35
N ASP C 167 -11.24 -17.15 -23.84
CA ASP C 167 -11.58 -16.70 -25.19
C ASP C 167 -12.17 -15.29 -25.24
N ILE C 168 -12.36 -14.65 -24.09
CA ILE C 168 -12.98 -13.31 -24.09
C ILE C 168 -12.09 -12.31 -24.78
N GLU C 169 -12.73 -11.28 -25.34
CA GLU C 169 -12.05 -10.16 -25.95
C GLU C 169 -12.86 -8.90 -25.68
N PRO C 170 -12.17 -7.77 -25.44
CA PRO C 170 -12.92 -6.51 -25.40
C PRO C 170 -13.64 -6.25 -26.73
N ALA C 171 -14.78 -5.56 -26.68
CA ALA C 171 -15.49 -5.15 -27.90
C ALA C 171 -14.54 -4.41 -28.82
N PRO C 172 -14.56 -4.76 -30.12
CA PRO C 172 -13.70 -4.08 -31.10
C PRO C 172 -13.70 -2.55 -31.00
N GLU C 173 -14.86 -1.96 -30.76
CA GLU C 173 -14.91 -0.51 -30.74
C GLU C 173 -14.31 0.07 -29.46
N ALA C 174 -14.29 -0.72 -28.39
CA ALA C 174 -13.58 -0.33 -27.16
C ALA C 174 -12.07 -0.44 -27.35
N LYS C 175 -11.60 -1.51 -28.00
CA LYS C 175 -10.17 -1.61 -28.31
C LYS C 175 -9.69 -0.49 -29.23
N ALA C 176 -10.59 -0.03 -30.11
CA ALA C 176 -10.27 1.03 -31.07
C ALA C 176 -10.55 2.45 -30.55
N LEU C 177 -11.03 2.54 -29.32
CA LEU C 177 -11.28 3.81 -28.63
C LEU C 177 -12.29 4.69 -29.35
N GLU C 178 -13.30 4.06 -29.96
CA GLU C 178 -14.43 4.82 -30.51
C GLU C 178 -15.22 5.42 -29.34
N PRO C 179 -15.83 6.59 -29.54
CA PRO C 179 -16.61 7.20 -28.46
C PRO C 179 -17.65 6.27 -27.85
N SER C 180 -18.26 5.41 -28.66
CA SER C 180 -19.26 4.47 -28.16
C SER C 180 -18.65 3.36 -27.31
N GLY C 181 -17.34 3.17 -27.43
CA GLY C 181 -16.65 2.10 -26.73
C GLY C 181 -15.75 2.55 -25.59
N VAL C 182 -15.91 3.80 -25.14
CA VAL C 182 -15.11 4.31 -24.01
C VAL C 182 -15.97 5.14 -23.07
N ILE C 183 -15.59 5.18 -21.79
CA ILE C 183 -16.21 6.13 -20.87
C ILE C 183 -15.52 7.47 -21.03
N SER C 184 -16.17 8.52 -20.56
CA SER C 184 -15.62 9.87 -20.70
C SER C 184 -14.28 10.00 -19.99
N ASN C 185 -13.29 10.50 -20.73
CA ASN C 185 -11.96 10.75 -20.21
C ASN C 185 -11.38 9.50 -19.54
N TYR C 186 -11.60 8.35 -20.20
CA TYR C 186 -11.07 7.09 -19.75
C TYR C 186 -9.57 7.25 -19.45
N THR C 187 -9.09 6.55 -18.43
CA THR C 187 -7.71 6.70 -17.98
C THR C 187 -6.78 6.00 -18.97
N ASN C 188 -5.66 6.64 -19.26
CA ASN C 188 -4.69 6.07 -20.19
C ASN C 188 -3.26 6.37 -19.72
C1 WHW D . 12.90 18.76 -11.98
O1 WHW D . 13.59 19.59 -12.63
C2 WHW D . 13.53 17.49 -11.41
O2 WHW D . 11.69 19.03 -11.82
C3 WHW D . 12.87 16.28 -12.04
O3 WHW D . 9.06 13.81 -3.34
C4 WHW D . 12.93 15.13 -11.05
C5 WHW D . 11.79 15.34 -10.07
C6 WHW D . 11.23 14.04 -9.51
C7 WHW D . 10.23 14.43 -8.44
C8 WHW D . 9.59 13.20 -7.85
C9 WHW D . 8.49 13.56 -6.88
C10 WHW D . 7.84 12.33 -6.22
C11 WHW D . 8.00 12.34 -4.87
C12 WHW D . 8.72 13.54 -4.47
C13 WHW D . 8.96 14.40 -5.66
C14 WHW D . 8.30 15.78 -5.52
C15 WHW D . 9.07 16.59 -4.48
C16 WHW D . 8.49 17.43 -3.60
C17 WHW D . 7.00 17.72 -3.58
C18 WHW D . 6.60 18.16 -2.18
H2 WHW D . 14.49 17.48 -11.58
H2A WHW D . 13.36 17.47 -10.45
H3 WHW D . 13.33 16.04 -12.87
H3A WHW D . 11.94 16.49 -12.23
H4 WHW D . 12.82 14.28 -11.52
H4A WHW D . 13.78 15.15 -10.57
H5 WHW D . 12.12 15.87 -9.31
H5A WHW D . 11.07 15.82 -10.51
H6 WHW D . 10.80 13.54 -10.22
H6A WHW D . 11.95 13.52 -9.11
H7 WHW D . 9.54 15.00 -8.84
H7A WHW D . 10.69 14.92 -7.74
H8 WHW D . 10.27 12.68 -7.38
H8A WHW D . 9.21 12.66 -8.57
H9 WHW D . 7.91 14.05 -7.51
H10 WHW D . 7.38 11.61 -6.70
H11 WHW D . 7.66 11.66 -4.26
H13 WHW D . 9.91 14.66 -5.74
H14 WHW D . 7.37 15.67 -5.22
H15 WHW D . 10.04 16.45 -4.43
H16 WHW D . 9.04 17.79 -2.88
H17 WHW D . 6.80 18.44 -4.21
H18 WHW D . 5.63 18.22 -2.11
H20 WHW D . 8.31 16.25 -6.38
H24 WHW D . 6.51 16.92 -3.83
H26 WHW D . 6.93 17.51 -1.52
H27 WHW D . 6.99 19.04 -1.98
C1 WHW E . 19.96 -10.61 7.16
O1 WHW E . 20.12 -11.69 6.53
C2 WHW E . 20.55 -9.33 6.58
O2 WHW E . 19.35 -10.67 8.25
C3 WHW E . 19.81 -8.02 6.83
O3 WHW E . 11.95 -8.86 7.54
C4 WHW E . 19.52 -7.80 8.31
C5 WHW E . 18.98 -6.42 8.63
C6 WHW E . 17.80 -6.04 7.75
C7 WHW E . 16.53 -6.07 8.58
C8 WHW E . 15.34 -5.72 7.70
C9 WHW E . 14.05 -6.04 8.39
C10 WHW E . 12.83 -5.50 7.62
C11 WHW E . 11.97 -6.49 7.30
C12 WHW E . 12.48 -7.78 7.77
C13 WHW E . 13.74 -7.56 8.56
C14 WHW E . 13.59 -8.01 10.03
C15 WHW E . 13.57 -9.52 10.08
C16 WHW E . 12.74 -10.24 10.88
C17 WHW E . 11.83 -9.62 11.92
C18 WHW E . 10.67 -10.56 12.19
H2 WHW E . 20.63 -9.44 5.62
H2A WHW E . 21.46 -9.23 6.95
H3 WHW E . 18.97 -8.03 6.33
H3A WHW E . 20.37 -7.30 6.51
H4 WHW E . 18.89 -8.48 8.62
H4A WHW E . 20.36 -7.90 8.79
H5 WHW E . 19.68 -5.74 8.55
H5A WHW E . 18.66 -6.44 9.56
H6 WHW E . 17.93 -5.14 7.37
H6A WHW E . 17.71 -6.68 7.03
H7 WHW E . 16.40 -6.96 8.95
H7A WHW E . 16.59 -5.41 9.29
H8 WHW E . 15.38 -4.76 7.49
H8A WHW E . 15.40 -6.23 6.87
H9 WHW E . 14.24 -5.57 9.22
H10 WHW E . 12.69 -4.57 7.39
H11 WHW E . 11.14 -6.37 6.81
H13 WHW E . 14.47 -8.12 8.25
H14 WHW E . 14.34 -7.67 10.55
H15 WHW E . 14.14 -10.01 9.46
H16 WHW E . 12.66 -11.20 10.72
H17 WHW E . 12.32 -9.47 12.74
H18 WHW E . 11.00 -11.36 12.65
H20 WHW E . 12.75 -7.65 10.39
H24 WHW E . 11.48 -8.77 11.58
H25 WHW E . 10.25 -10.82 11.34
H26 WHW E . 10.01 -10.10 12.76
C1 MRD F . 0.81 -9.86 -14.53
C2 MRD F . 0.97 -8.49 -13.92
O2 MRD F . 0.60 -7.54 -14.89
CM MRD F . 2.42 -8.23 -13.57
C3 MRD F . 0.16 -8.44 -12.63
C4 MRD F . -1.34 -8.47 -12.88
O4 MRD F . -1.69 -7.55 -13.89
C5 MRD F . -2.08 -8.13 -11.60
H1C1 MRD F . 2.52 -7.30 -13.29
H1C2 MRD F . 2.69 -8.82 -12.85
H1C3 MRD F . 2.98 -8.40 -14.36
H2 MRD F . 0.72 -6.73 -14.56
HMC1 MRD F . -0.13 -9.98 -14.81
HMC2 MRD F . 1.38 -9.95 -15.31
HMC3 MRD F . 1.03 -10.54 -13.88
H3C1 MRD F . 0.38 -9.22 -12.10
H3C2 MRD F . 0.39 -7.64 -12.13
H4 MRD F . -1.60 -9.37 -13.17
HA MRD F . -1.30 -6.77 -13.72
H5C1 MRD F . -1.54 -8.41 -10.83
H5C2 MRD F . -2.22 -7.16 -11.55
H5C3 MRD F . -2.94 -8.59 -11.59
#